data_6QR7
#
_entry.id   6QR7
#
_cell.length_a   75.011
_cell.length_b   77.787
_cell.length_c   86.943
_cell.angle_alpha   90.000
_cell.angle_beta   90.000
_cell.angle_gamma   90.000
#
_symmetry.space_group_name_H-M   'P 21 21 21'
#
loop_
_entity.id
_entity.type
_entity.pdbx_description
1 polymer 'tRNA (guanine-N(1)-)-methyltransferase'
2 non-polymer 5-azanyl-3-[1-[[4-(piperidin-1-ylmethyl)phenyl]methyl]indol-6-yl]-1~{H}-pyrazole-4-carbonitrile
3 water water
#
_entity_poly.entity_id   1
_entity_poly.type   'polypeptide(L)'
_entity_poly.pdbx_seq_one_letter_code
;GSMKIDVVTIFPEYLQPVRQSLPGKAIDAGLVDVAVHDLRRWTHDVHKSVDDSPYGGGPGMVMKPTVWGDALDEICTSET
LLVVPTPAGYPFTQETAWQWSTEDHLVIACGRYEGIDQRVADDAATRMRVREVSIGDYVLNGGEAAALVIIEAVLRLVPG
VLGNALSAQEDSHSEGMASLLEGPSYTRPPSWRGMDVPPVLLSGDHAKIAAWRAEQSRQRTIERRPDLLGFDSPTGEHGG
DGLS
;
_entity_poly.pdbx_strand_id   A,B
#
loop_
_chem_comp.id
_chem_comp.type
_chem_comp.name
_chem_comp.formula
JEK non-polymer 5-azanyl-3-[1-[[4-(piperidin-1-ylmethyl)phenyl]methyl]indol-6-yl]-1~{H}-pyrazole-4-carbonitrile 'C25 H26 N6'
#
# COMPACT_ATOMS: atom_id res chain seq x y z
N GLY A 1 1.10 15.35 -17.57
CA GLY A 1 2.07 14.87 -18.54
C GLY A 1 3.40 14.52 -17.90
N SER A 2 3.94 15.46 -17.13
CA SER A 2 5.25 15.27 -16.49
C SER A 2 5.20 15.63 -15.01
N MET A 3 5.94 14.90 -14.19
CA MET A 3 5.84 15.08 -12.75
C MET A 3 7.19 14.92 -12.06
N LYS A 4 7.48 15.81 -11.11
CA LYS A 4 8.64 15.65 -10.23
C LYS A 4 8.16 15.16 -8.88
N ILE A 5 8.78 14.12 -8.35
CA ILE A 5 8.43 13.63 -7.04
C ILE A 5 9.65 13.70 -6.15
N ASP A 6 9.49 14.33 -4.99
CA ASP A 6 10.53 14.32 -3.98
C ASP A 6 10.06 13.50 -2.79
N VAL A 7 10.87 12.56 -2.32
CA VAL A 7 10.53 11.82 -1.11
C VAL A 7 11.54 12.11 -0.02
N VAL A 8 11.06 12.44 1.17
CA VAL A 8 11.94 12.69 2.30
C VAL A 8 11.75 11.64 3.38
N THR A 9 12.84 10.99 3.78
CA THR A 9 12.74 9.83 4.69
C THR A 9 14.04 9.64 5.45
N ILE A 10 14.00 9.00 6.62
CA ILE A 10 15.25 8.63 7.25
C ILE A 10 15.74 7.27 6.74
N PHE A 11 14.96 6.65 5.87
CA PHE A 11 15.37 5.39 5.24
C PHE A 11 15.29 5.42 3.73
N PRO A 12 16.17 6.20 3.10
CA PRO A 12 16.08 6.32 1.64
C PRO A 12 16.25 4.97 0.91
N GLU A 13 16.90 3.99 1.55
CA GLU A 13 17.03 2.65 0.96
C GLU A 13 15.68 1.97 0.70
N TYR A 14 14.70 2.21 1.55
CA TYR A 14 13.36 1.61 1.38
C TYR A 14 12.73 2.06 0.06
N LEU A 15 13.23 3.15 -0.52
CA LEU A 15 12.65 3.65 -1.75
C LEU A 15 13.32 3.07 -3.00
N GLN A 16 14.25 2.14 -2.84
CA GLN A 16 14.89 1.48 -3.98
C GLN A 16 13.89 0.90 -5.01
N PRO A 17 12.77 0.28 -4.55
CA PRO A 17 11.89 -0.27 -5.59
C PRO A 17 11.29 0.72 -6.59
N VAL A 18 11.04 1.98 -6.22
CA VAL A 18 10.44 2.89 -7.18
C VAL A 18 11.44 3.21 -8.29
N ARG A 19 12.72 3.32 -7.94
CA ARG A 19 13.74 3.49 -8.96
C ARG A 19 13.85 2.22 -9.81
N GLN A 20 13.64 1.06 -9.20
CA GLN A 20 13.64 -0.19 -9.95
C GLN A 20 12.48 -0.26 -10.94
N SER A 21 11.40 0.47 -10.68
CA SER A 21 10.20 0.40 -11.51
C SER A 21 10.14 1.44 -12.61
N LEU A 22 11.07 2.40 -12.60
CA LEU A 22 11.04 3.49 -13.58
C LEU A 22 11.76 3.10 -14.88
N PRO A 23 11.03 3.11 -16.01
CA PRO A 23 11.59 2.87 -17.34
C PRO A 23 12.51 4.01 -17.77
N GLY A 24 13.60 3.68 -18.46
CA GLY A 24 14.56 4.68 -18.90
C GLY A 24 13.96 5.65 -19.90
N LYS A 25 13.06 5.14 -20.73
CA LYS A 25 12.42 5.96 -21.75
C LYS A 25 11.64 7.14 -21.17
N ALA A 26 10.92 6.91 -20.07
CA ALA A 26 10.08 7.96 -19.49
C ALA A 26 10.94 9.03 -18.80
N ILE A 27 12.05 8.60 -18.23
CA ILE A 27 13.01 9.52 -17.62
C ILE A 27 13.66 10.39 -18.68
N ASP A 28 14.15 9.75 -19.75
CA ASP A 28 14.84 10.46 -20.83
C ASP A 28 13.93 11.39 -21.60
N ALA A 29 12.64 11.06 -21.65
CA ALA A 29 11.67 11.95 -22.27
C ALA A 29 11.25 13.07 -21.32
N GLY A 30 11.82 13.08 -20.12
CA GLY A 30 11.50 14.10 -19.14
C GLY A 30 10.05 14.06 -18.69
N LEU A 31 9.51 12.86 -18.55
CA LEU A 31 8.13 12.70 -18.11
C LEU A 31 8.07 12.59 -16.58
N VAL A 32 9.19 12.20 -15.97
CA VAL A 32 9.19 11.96 -14.54
C VAL A 32 10.60 12.00 -13.97
N ASP A 33 10.71 12.48 -12.75
CA ASP A 33 11.94 12.39 -11.99
C ASP A 33 11.56 12.19 -10.53
N VAL A 34 12.20 11.22 -9.90
CA VAL A 34 11.92 10.87 -8.53
C VAL A 34 13.20 10.96 -7.72
N ALA A 35 13.27 11.92 -6.80
CA ALA A 35 14.45 12.07 -5.96
C ALA A 35 14.13 11.66 -4.54
N VAL A 36 15.08 11.00 -3.89
CA VAL A 36 14.89 10.58 -2.52
C VAL A 36 15.94 11.26 -1.65
N HIS A 37 15.49 11.89 -0.57
CA HIS A 37 16.36 12.67 0.28
C HIS A 37 16.40 12.10 1.69
N ASP A 38 17.60 11.95 2.22
CA ASP A 38 17.77 11.57 3.61
C ASP A 38 17.44 12.77 4.51
N LEU A 39 16.41 12.62 5.36
CA LEU A 39 16.03 13.68 6.29
C LEU A 39 17.21 14.17 7.16
N ARG A 40 18.15 13.28 7.46
CA ARG A 40 19.22 13.64 8.40
C ARG A 40 20.17 14.70 7.85
N ARG A 41 20.12 14.94 6.54
CA ARG A 41 20.87 16.06 5.95
C ARG A 41 20.48 17.40 6.59
N TRP A 42 19.26 17.50 7.13
CA TRP A 42 18.80 18.75 7.71
C TRP A 42 18.82 18.76 9.24
N THR A 43 19.47 17.80 9.88
CA THR A 43 19.57 17.83 11.34
C THR A 43 20.52 18.96 11.78
N HIS A 44 20.44 19.37 13.05
CA HIS A 44 21.22 20.50 13.53
C HIS A 44 22.40 20.12 14.43
N ASP A 45 22.38 18.90 14.96
CA ASP A 45 23.31 18.50 16.00
C ASP A 45 24.21 17.36 15.54
N VAL A 46 25.27 17.14 16.29
CA VAL A 46 26.25 16.11 15.93
C VAL A 46 25.66 14.69 15.98
N HIS A 47 24.64 14.48 16.81
CA HIS A 47 24.03 13.17 16.90
C HIS A 47 22.96 12.96 15.82
N LYS A 48 22.81 13.94 14.94
CA LYS A 48 21.79 13.92 13.88
C LYS A 48 20.41 13.47 14.34
N SER A 49 19.88 14.16 15.35
CA SER A 49 18.61 13.82 15.98
C SER A 49 17.39 14.19 15.13
N VAL A 50 16.46 13.25 14.97
CA VAL A 50 15.25 13.54 14.22
C VAL A 50 14.00 13.36 15.08
N ASP A 51 14.17 12.93 16.33
CA ASP A 51 13.04 12.64 17.20
C ASP A 51 13.26 13.12 18.63
N ASP A 52 12.17 13.18 19.39
CA ASP A 52 12.17 13.75 20.73
C ASP A 52 10.90 13.29 21.46
N SER A 53 10.86 13.46 22.78
CA SER A 53 9.73 12.96 23.57
C SER A 53 8.49 13.81 23.35
N PRO A 54 7.32 13.15 23.37
CA PRO A 54 6.03 13.85 23.14
C PRO A 54 5.60 14.72 24.32
N TYR A 55 5.15 15.93 24.03
CA TYR A 55 4.50 16.72 25.06
C TYR A 55 3.24 16.00 25.52
N GLY A 56 2.98 16.05 26.82
CA GLY A 56 1.80 15.41 27.37
C GLY A 56 2.10 13.96 27.72
N GLY A 57 3.31 13.52 27.42
CA GLY A 57 3.72 12.17 27.77
C GLY A 57 3.16 11.17 26.79
N GLY A 58 3.53 9.91 26.98
CA GLY A 58 3.08 8.88 26.07
C GLY A 58 4.24 8.04 25.59
N PRO A 59 3.94 6.92 24.95
CA PRO A 59 4.95 6.01 24.41
C PRO A 59 5.48 6.51 23.08
N GLY A 60 6.66 6.04 22.71
CA GLY A 60 7.22 6.37 21.41
C GLY A 60 7.75 7.79 21.36
N MET A 61 8.25 8.17 20.20
CA MET A 61 8.84 9.48 20.01
C MET A 61 8.12 10.20 18.89
N VAL A 62 8.27 11.53 18.85
CA VAL A 62 7.69 12.37 17.82
C VAL A 62 8.84 12.98 17.01
N MET A 63 8.67 13.10 15.69
CA MET A 63 9.71 13.71 14.88
C MET A 63 9.72 15.24 15.02
N LYS A 64 10.93 15.78 15.13
CA LYS A 64 11.15 17.18 15.46
C LYS A 64 10.67 18.12 14.36
N PRO A 65 9.91 19.15 14.72
CA PRO A 65 9.44 20.09 13.70
C PRO A 65 10.55 20.93 13.06
N THR A 66 11.61 21.23 13.81
CA THR A 66 12.65 22.09 13.27
C THR A 66 13.43 21.44 12.13
N VAL A 67 13.66 20.13 12.23
CA VAL A 67 14.36 19.41 11.18
C VAL A 67 13.45 19.32 9.95
N TRP A 68 12.21 18.90 10.16
CA TRP A 68 11.25 18.82 9.05
C TRP A 68 10.99 20.17 8.41
N GLY A 69 10.95 21.21 9.24
CA GLY A 69 10.78 22.59 8.76
C GLY A 69 11.85 23.02 7.76
N ASP A 70 13.12 22.76 8.08
CA ASP A 70 14.22 23.10 7.17
C ASP A 70 14.15 22.31 5.89
N ALA A 71 13.88 21.01 5.99
CA ALA A 71 13.88 20.15 4.81
C ALA A 71 12.81 20.59 3.83
N LEU A 72 11.62 20.79 4.33
CA LEU A 72 10.50 21.14 3.47
C LEU A 72 10.65 22.55 2.89
N ASP A 73 11.20 23.47 3.69
CA ASP A 73 11.49 24.82 3.19
C ASP A 73 12.40 24.77 1.96
N GLU A 74 13.39 23.89 1.98
CA GLU A 74 14.30 23.72 0.85
C GLU A 74 13.63 23.10 -0.37
N ILE A 75 12.94 22.00 -0.17
CA ILE A 75 12.40 21.20 -1.26
C ILE A 75 11.08 21.75 -1.83
N CYS A 76 10.21 22.27 -0.97
CA CYS A 76 8.89 22.70 -1.42
C CYS A 76 8.84 24.11 -2.00
N THR A 77 7.86 24.34 -2.88
CA THR A 77 7.47 25.68 -3.27
C THR A 77 5.97 25.84 -3.01
N SER A 78 5.44 27.02 -3.27
CA SER A 78 4.00 27.27 -3.13
C SER A 78 3.17 26.44 -4.11
N GLU A 79 3.82 25.89 -5.13
CA GLU A 79 3.11 25.09 -6.14
C GLU A 79 3.12 23.60 -5.79
N THR A 80 3.87 23.24 -4.76
CA THR A 80 3.97 21.85 -4.32
C THR A 80 2.68 21.26 -3.75
N LEU A 81 2.39 20.01 -4.08
CA LEU A 81 1.41 19.26 -3.32
C LEU A 81 2.18 18.41 -2.32
N LEU A 82 2.03 18.73 -1.03
CA LEU A 82 2.73 18.04 0.04
C LEU A 82 1.86 16.89 0.55
N VAL A 83 2.34 15.67 0.38
CA VAL A 83 1.62 14.46 0.78
C VAL A 83 2.24 13.90 2.04
N VAL A 84 1.42 13.68 3.06
CA VAL A 84 1.89 13.20 4.36
C VAL A 84 1.17 11.89 4.72
N PRO A 85 1.82 10.74 4.47
CA PRO A 85 1.17 9.49 4.89
C PRO A 85 0.98 9.51 6.39
N THR A 86 -0.13 8.95 6.87
CA THR A 86 -0.40 8.89 8.32
C THR A 86 -1.54 7.93 8.59
N PRO A 87 -1.47 7.20 9.71
CA PRO A 87 -2.53 6.24 10.02
C PRO A 87 -3.82 6.98 10.38
N ALA A 88 -3.75 8.30 10.52
CA ALA A 88 -4.94 9.09 10.82
C ALA A 88 -5.38 9.95 9.64
N GLY A 89 -4.94 9.60 8.43
CA GLY A 89 -5.22 10.40 7.26
C GLY A 89 -6.61 10.20 6.67
N TYR A 90 -6.99 11.12 5.77
CA TYR A 90 -8.10 10.88 4.86
C TYR A 90 -7.76 9.64 4.02
N PRO A 91 -8.78 8.88 3.57
CA PRO A 91 -8.50 7.69 2.76
C PRO A 91 -7.87 8.05 1.41
N PHE A 92 -6.76 7.41 1.07
CA PHE A 92 -6.22 7.52 -0.28
C PHE A 92 -6.95 6.52 -1.16
N THR A 93 -7.65 7.02 -2.19
CA THR A 93 -8.38 6.13 -3.10
C THR A 93 -8.01 6.35 -4.57
N GLN A 94 -8.62 5.58 -5.46
CA GLN A 94 -8.36 5.73 -6.88
C GLN A 94 -8.71 7.14 -7.36
N GLU A 95 -9.74 7.72 -6.77
CA GLU A 95 -10.10 9.11 -7.08
C GLU A 95 -8.94 10.04 -6.72
N THR A 96 -8.34 9.79 -5.56
CA THR A 96 -7.18 10.58 -5.15
C THR A 96 -6.04 10.42 -6.16
N ALA A 97 -5.73 9.19 -6.51
CA ALA A 97 -4.68 8.90 -7.47
C ALA A 97 -4.92 9.66 -8.78
N TRP A 98 -6.16 9.63 -9.29
CA TRP A 98 -6.50 10.33 -10.54
C TRP A 98 -6.27 11.83 -10.42
N GLN A 99 -6.74 12.42 -9.32
CA GLN A 99 -6.53 13.85 -9.11
C GLN A 99 -5.06 14.22 -9.05
N TRP A 100 -4.24 13.45 -8.34
CA TRP A 100 -2.84 13.84 -8.17
C TRP A 100 -2.02 13.59 -9.43
N SER A 101 -2.51 12.75 -10.33
CA SER A 101 -1.71 12.35 -11.49
C SER A 101 -1.43 13.51 -12.43
N THR A 102 -2.14 14.62 -12.25
CA THR A 102 -1.93 15.81 -13.08
C THR A 102 -1.13 16.92 -12.38
N GLU A 103 -0.56 16.62 -11.21
CA GLU A 103 0.26 17.60 -10.48
C GLU A 103 1.66 17.69 -11.08
N ASP A 104 2.30 18.84 -10.90
CA ASP A 104 3.66 19.02 -11.39
C ASP A 104 4.72 18.65 -10.37
N HIS A 105 4.42 18.86 -9.09
CA HIS A 105 5.38 18.58 -8.03
C HIS A 105 4.71 17.93 -6.82
N LEU A 106 5.05 16.68 -6.54
CA LEU A 106 4.62 16.04 -5.29
C LEU A 106 5.81 15.89 -4.38
N VAL A 107 5.61 16.22 -3.10
CA VAL A 107 6.61 15.93 -2.08
C VAL A 107 5.96 14.99 -1.07
N ILE A 108 6.60 13.87 -0.80
CA ILE A 108 6.05 12.93 0.17
C ILE A 108 6.93 12.92 1.40
N ALA A 109 6.34 13.33 2.53
CA ALA A 109 7.09 13.38 3.78
C ALA A 109 6.83 12.09 4.57
N CYS A 110 7.80 11.17 4.57
CA CYS A 110 7.63 9.91 5.29
C CYS A 110 8.06 10.01 6.74
N GLY A 111 7.11 9.87 7.66
CA GLY A 111 7.43 9.84 9.07
C GLY A 111 7.85 8.46 9.57
N ARG A 112 8.38 8.45 10.79
CA ARG A 112 8.65 7.22 11.52
C ARG A 112 8.26 7.44 12.99
N TYR A 113 8.58 6.48 13.85
CA TYR A 113 8.17 6.55 15.25
C TYR A 113 6.67 6.81 15.34
N GLU A 114 6.28 7.72 16.22
CA GLU A 114 4.86 8.07 16.37
C GLU A 114 4.38 9.12 15.38
N GLY A 115 5.26 9.59 14.51
CA GLY A 115 4.84 10.53 13.47
C GLY A 115 5.55 11.87 13.61
N ILE A 116 5.01 12.87 12.92
CA ILE A 116 5.63 14.17 12.83
C ILE A 116 4.86 15.20 13.65
N ASP A 117 5.58 16.01 14.42
CA ASP A 117 4.99 17.16 15.11
C ASP A 117 3.97 17.83 14.18
N GLN A 118 2.72 17.93 14.63
CA GLN A 118 1.60 18.44 13.82
C GLN A 118 1.80 19.87 13.28
N ARG A 119 2.68 20.64 13.90
CA ARG A 119 2.88 22.03 13.45
C ARG A 119 3.53 22.11 12.08
N VAL A 120 4.25 21.05 11.71
CA VAL A 120 4.89 20.99 10.41
C VAL A 120 3.87 21.04 9.28
N ALA A 121 2.89 20.15 9.33
CA ALA A 121 1.79 20.18 8.35
C ALA A 121 0.91 21.45 8.47
N ASP A 122 0.65 21.89 9.71
CA ASP A 122 -0.16 23.09 9.92
C ASP A 122 0.55 24.34 9.35
N ASP A 123 1.83 24.50 9.65
CA ASP A 123 2.63 25.57 9.04
C ASP A 123 2.67 25.49 7.51
N ALA A 124 2.99 24.31 6.97
CA ALA A 124 3.06 24.16 5.52
C ALA A 124 1.73 24.52 4.83
N ALA A 125 0.63 24.23 5.51
CA ALA A 125 -0.69 24.41 4.89
C ALA A 125 -1.04 25.89 4.75
N THR A 126 -0.28 26.76 5.40
CA THR A 126 -0.53 28.20 5.24
C THR A 126 0.08 28.74 3.95
N ARG A 127 0.81 27.92 3.19
CA ARG A 127 1.32 28.43 1.92
C ARG A 127 1.42 27.41 0.80
N MET A 128 1.00 26.18 1.06
CA MET A 128 0.89 25.21 -0.01
C MET A 128 -0.26 24.24 0.29
N ARG A 129 -0.61 23.42 -0.69
CA ARG A 129 -1.66 22.42 -0.51
C ARG A 129 -1.07 21.22 0.24
N VAL A 130 -1.73 20.81 1.31
CA VAL A 130 -1.23 19.71 2.13
C VAL A 130 -2.30 18.64 2.25
N ARG A 131 -1.90 17.37 2.13
CA ARG A 131 -2.83 16.23 2.16
C ARG A 131 -2.35 15.12 3.10
N GLU A 132 -3.01 14.96 4.23
CA GLU A 132 -2.70 13.85 5.13
C GLU A 132 -3.57 12.67 4.71
N VAL A 133 -2.94 11.55 4.36
CA VAL A 133 -3.69 10.45 3.78
C VAL A 133 -3.24 9.13 4.36
N SER A 134 -4.17 8.17 4.40
CA SER A 134 -3.84 6.81 4.78
C SER A 134 -4.14 5.84 3.63
N ILE A 135 -3.26 4.88 3.41
CA ILE A 135 -3.48 3.93 2.32
C ILE A 135 -4.35 2.73 2.69
N GLY A 136 -4.74 2.60 3.94
CA GLY A 136 -5.62 1.50 4.32
C GLY A 136 -5.79 1.36 5.83
N ASP A 137 -6.70 0.47 6.24
CA ASP A 137 -7.04 0.34 7.65
C ASP A 137 -6.21 -0.72 8.35
N TYR A 138 -4.91 -0.48 8.38
CA TYR A 138 -3.95 -1.33 9.08
C TYR A 138 -2.84 -0.41 9.55
N VAL A 139 -1.96 -0.89 10.41
CA VAL A 139 -0.91 -0.04 10.97
C VAL A 139 0.47 -0.44 10.47
N LEU A 140 1.22 0.52 9.95
CA LEU A 140 2.58 0.28 9.47
C LEU A 140 3.61 0.85 10.45
N ASN A 141 4.89 0.73 10.13
CA ASN A 141 5.95 1.28 10.96
C ASN A 141 6.33 2.72 10.61
N GLY A 142 5.92 3.15 9.42
CA GLY A 142 6.25 4.48 8.95
C GLY A 142 5.67 4.74 7.58
N GLY A 143 5.99 5.90 7.01
CA GLY A 143 5.36 6.34 5.76
C GLY A 143 5.93 5.75 4.48
N GLU A 144 7.06 5.04 4.56
CA GLU A 144 7.78 4.64 3.35
C GLU A 144 7.01 3.62 2.48
N ALA A 145 6.40 2.62 3.11
CA ALA A 145 5.61 1.65 2.34
C ALA A 145 4.40 2.33 1.72
N ALA A 146 3.83 3.31 2.42
CA ALA A 146 2.71 4.06 1.88
C ALA A 146 3.16 4.90 0.69
N ALA A 147 4.37 5.41 0.74
CA ALA A 147 4.84 6.22 -0.39
C ALA A 147 5.06 5.35 -1.62
N LEU A 148 5.53 4.12 -1.44
CA LEU A 148 5.65 3.18 -2.55
C LEU A 148 4.30 2.95 -3.25
N VAL A 149 3.28 2.69 -2.44
CA VAL A 149 1.93 2.48 -2.96
C VAL A 149 1.37 3.71 -3.68
N ILE A 150 1.51 4.85 -3.02
CA ILE A 150 1.02 6.12 -3.56
C ILE A 150 1.69 6.46 -4.90
N ILE A 151 3.01 6.37 -4.94
CA ILE A 151 3.77 6.69 -6.15
C ILE A 151 3.39 5.75 -7.28
N GLU A 152 3.27 4.47 -6.99
CA GLU A 152 2.85 3.52 -8.01
C GLU A 152 1.42 3.79 -8.52
N ALA A 153 0.48 4.04 -7.62
CA ALA A 153 -0.92 4.26 -7.99
C ALA A 153 -1.06 5.52 -8.81
N VAL A 154 -0.29 6.54 -8.44
CA VAL A 154 -0.34 7.80 -9.16
C VAL A 154 0.36 7.71 -10.51
N LEU A 155 1.59 7.19 -10.56
CA LEU A 155 2.39 7.23 -11.79
C LEU A 155 1.89 6.34 -12.92
N ARG A 156 1.14 5.29 -12.58
CA ARG A 156 0.62 4.40 -13.62
C ARG A 156 -0.55 5.04 -14.35
N LEU A 157 -1.03 6.16 -13.81
CA LEU A 157 -2.05 6.94 -14.45
C LEU A 157 -1.45 8.05 -15.34
N VAL A 158 -0.15 8.29 -15.22
CA VAL A 158 0.53 9.25 -16.11
C VAL A 158 0.97 8.50 -17.36
N PRO A 159 0.39 8.85 -18.50
CA PRO A 159 0.60 8.07 -19.73
C PRO A 159 2.08 7.87 -20.07
N GLY A 160 2.49 6.61 -20.20
CA GLY A 160 3.85 6.29 -20.61
C GLY A 160 4.90 6.29 -19.53
N VAL A 161 4.49 6.40 -18.27
CA VAL A 161 5.50 6.51 -17.23
C VAL A 161 5.97 5.14 -16.71
N LEU A 162 5.04 4.26 -16.32
CA LEU A 162 5.49 2.98 -15.73
C LEU A 162 5.49 1.81 -16.72
N GLY A 163 5.08 2.07 -17.97
CA GLY A 163 5.12 1.04 -19.00
C GLY A 163 3.80 0.31 -19.18
N ASN A 164 2.92 0.46 -18.20
CA ASN A 164 1.59 -0.13 -18.25
C ASN A 164 0.67 0.57 -19.24
N ALA A 165 -0.31 -0.16 -19.76
CA ALA A 165 -1.31 0.42 -20.65
C ALA A 165 -2.58 0.75 -19.87
N SER A 179 -19.85 0.81 -8.74
CA SER A 179 -18.68 0.14 -9.28
C SER A 179 -18.48 -1.18 -8.53
N LEU A 180 -18.12 -2.22 -9.27
CA LEU A 180 -18.05 -3.58 -8.74
C LEU A 180 -16.61 -4.11 -8.76
N LEU A 181 -16.36 -5.23 -8.09
CA LEU A 181 -15.07 -5.90 -8.18
C LEU A 181 -14.98 -6.64 -9.53
N GLU A 182 -13.78 -6.73 -10.10
CA GLU A 182 -13.61 -7.49 -11.33
C GLU A 182 -13.71 -8.98 -11.05
N GLY A 183 -14.35 -9.70 -11.95
CA GLY A 183 -14.48 -11.14 -11.81
C GLY A 183 -13.20 -11.87 -12.20
N PRO A 184 -13.26 -13.20 -12.24
CA PRO A 184 -12.09 -14.05 -12.50
C PRO A 184 -11.62 -14.01 -13.97
N SER A 185 -10.34 -14.20 -14.17
CA SER A 185 -9.78 -14.28 -15.52
CA SER A 185 -9.83 -14.30 -15.54
C SER A 185 -9.19 -15.65 -15.77
N TYR A 186 -9.16 -16.05 -17.04
CA TYR A 186 -8.65 -17.36 -17.45
C TYR A 186 -7.81 -17.24 -18.73
N THR A 187 -6.76 -18.04 -18.82
CA THR A 187 -6.00 -18.11 -20.06
C THR A 187 -5.62 -19.57 -20.34
N ARG A 188 -4.74 -19.80 -21.31
CA ARG A 188 -4.30 -21.17 -21.63
C ARG A 188 -3.60 -21.84 -20.45
N PRO A 189 -3.72 -23.16 -20.35
CA PRO A 189 -4.39 -24.10 -21.25
C PRO A 189 -5.89 -24.24 -20.92
N PRO A 190 -6.68 -24.74 -21.87
CA PRO A 190 -8.13 -24.81 -21.63
C PRO A 190 -8.50 -25.76 -20.47
N SER A 191 -7.64 -26.73 -20.15
CA SER A 191 -7.87 -27.59 -19.00
C SER A 191 -6.59 -27.80 -18.17
N TRP A 192 -6.70 -27.69 -16.85
CA TRP A 192 -5.52 -27.74 -15.98
C TRP A 192 -5.89 -28.28 -14.59
N ARG A 193 -5.18 -29.31 -14.15
CA ARG A 193 -5.46 -30.00 -12.89
C ARG A 193 -6.94 -30.30 -12.72
N GLY A 194 -7.59 -30.67 -13.83
CA GLY A 194 -8.97 -31.09 -13.81
C GLY A 194 -9.96 -29.94 -13.79
N MET A 195 -9.47 -28.71 -13.94
CA MET A 195 -10.34 -27.54 -14.00
C MET A 195 -10.35 -26.90 -15.40
N ASP A 196 -11.52 -26.90 -16.01
CA ASP A 196 -11.71 -26.29 -17.33
C ASP A 196 -12.04 -24.81 -17.21
N VAL A 197 -11.56 -24.04 -18.16
CA VAL A 197 -12.04 -22.68 -18.34
C VAL A 197 -13.54 -22.77 -18.58
N PRO A 198 -14.33 -21.86 -17.96
CA PRO A 198 -15.78 -21.81 -18.14
C PRO A 198 -16.14 -21.71 -19.62
N PRO A 199 -16.90 -22.71 -20.12
CA PRO A 199 -17.16 -22.93 -21.55
C PRO A 199 -17.74 -21.71 -22.24
N VAL A 200 -18.46 -20.87 -21.50
CA VAL A 200 -19.06 -19.68 -22.09
C VAL A 200 -17.99 -18.77 -22.69
N LEU A 201 -16.79 -18.77 -22.12
CA LEU A 201 -15.73 -17.90 -22.60
C LEU A 201 -15.21 -18.36 -23.96
N LEU A 202 -15.51 -19.60 -24.35
CA LEU A 202 -15.09 -20.09 -25.66
C LEU A 202 -16.26 -20.22 -26.64
N SER A 203 -17.39 -19.59 -26.33
CA SER A 203 -18.63 -19.80 -27.10
C SER A 203 -18.76 -18.88 -28.30
N GLY A 204 -17.99 -17.81 -28.32
CA GLY A 204 -18.08 -16.86 -29.43
C GLY A 204 -19.35 -16.03 -29.38
N ASP A 205 -20.14 -16.20 -28.31
CA ASP A 205 -21.29 -15.33 -28.09
C ASP A 205 -20.89 -14.19 -27.16
N HIS A 206 -20.49 -13.05 -27.72
CA HIS A 206 -19.85 -12.02 -26.91
C HIS A 206 -20.83 -11.21 -26.05
N ALA A 207 -22.11 -11.18 -26.41
CA ALA A 207 -23.07 -10.55 -25.52
C ALA A 207 -23.28 -11.43 -24.27
N LYS A 208 -23.34 -12.75 -24.47
CA LYS A 208 -23.49 -13.66 -23.36
C LYS A 208 -22.25 -13.69 -22.45
N ILE A 209 -21.07 -13.59 -23.05
CA ILE A 209 -19.84 -13.48 -22.26
C ILE A 209 -19.84 -12.24 -21.36
N ALA A 210 -20.24 -11.09 -21.90
CA ALA A 210 -20.28 -9.86 -21.11
C ALA A 210 -21.27 -10.00 -19.95
N ALA A 211 -22.41 -10.63 -20.20
CA ALA A 211 -23.41 -10.86 -19.16
C ALA A 211 -22.89 -11.80 -18.07
N TRP A 212 -22.19 -12.85 -18.47
CA TRP A 212 -21.59 -13.80 -17.52
C TRP A 212 -20.53 -13.12 -16.65
N ARG A 213 -19.70 -12.29 -17.26
CA ARG A 213 -18.71 -11.54 -16.49
C ARG A 213 -19.38 -10.56 -15.52
N ALA A 214 -20.42 -9.88 -15.96
CA ALA A 214 -21.16 -8.97 -15.10
C ALA A 214 -21.69 -9.69 -13.85
N GLU A 215 -22.27 -10.87 -14.05
CA GLU A 215 -22.83 -11.63 -12.93
C GLU A 215 -21.74 -12.19 -12.00
N GLN A 216 -20.59 -12.56 -12.55
CA GLN A 216 -19.47 -12.98 -11.68
C GLN A 216 -19.06 -11.81 -10.79
N SER A 217 -18.99 -10.62 -11.39
CA SER A 217 -18.61 -9.43 -10.68
CA SER A 217 -18.61 -9.41 -10.67
C SER A 217 -19.59 -9.09 -9.55
N ARG A 218 -20.88 -9.24 -9.84
CA ARG A 218 -21.92 -8.98 -8.85
C ARG A 218 -21.81 -9.98 -7.71
N GLN A 219 -21.62 -11.24 -8.03
CA GLN A 219 -21.49 -12.24 -6.97
C GLN A 219 -20.25 -11.99 -6.12
N ARG A 220 -19.12 -11.73 -6.75
CA ARG A 220 -17.88 -11.50 -6.02
C ARG A 220 -17.99 -10.26 -5.11
N THR A 221 -18.64 -9.22 -5.61
CA THR A 221 -18.79 -7.98 -4.86
C THR A 221 -19.67 -8.22 -3.62
N ILE A 222 -20.79 -8.91 -3.81
CA ILE A 222 -21.67 -9.27 -2.69
C ILE A 222 -20.91 -10.03 -1.62
N GLU A 223 -20.06 -10.95 -2.03
CA GLU A 223 -19.32 -11.79 -1.08
C GLU A 223 -18.13 -11.08 -0.42
N ARG A 224 -17.39 -10.28 -1.18
CA ARG A 224 -16.14 -9.75 -0.66
C ARG A 224 -16.24 -8.31 -0.19
N ARG A 225 -17.09 -7.52 -0.85
CA ARG A 225 -17.20 -6.10 -0.55
C ARG A 225 -18.65 -5.61 -0.60
N PRO A 226 -19.52 -6.15 0.27
CA PRO A 226 -20.94 -5.76 0.19
C PRO A 226 -21.18 -4.26 0.43
N ASP A 227 -20.21 -3.57 1.02
CA ASP A 227 -20.31 -2.13 1.24
C ASP A 227 -20.38 -1.36 -0.08
N LEU A 228 -19.84 -1.92 -1.14
CA LEU A 228 -19.82 -1.23 -2.42
C LEU A 228 -21.21 -1.21 -3.06
N LEU A 229 -22.16 -1.87 -2.40
CA LEU A 229 -23.55 -1.93 -2.85
C LEU A 229 -24.50 -1.37 -1.80
N SER B 2 7.65 -17.16 15.63
CA SER B 2 8.45 -17.65 14.51
C SER B 2 7.61 -17.77 13.24
N MET B 3 8.06 -17.14 12.16
CA MET B 3 7.33 -17.16 10.91
C MET B 3 8.27 -17.19 9.70
N LYS B 4 7.91 -17.97 8.69
CA LYS B 4 8.60 -17.92 7.41
C LYS B 4 7.69 -17.31 6.35
N ILE B 5 8.20 -16.34 5.60
CA ILE B 5 7.44 -15.76 4.49
C ILE B 5 8.16 -15.95 3.17
N ASP B 6 7.49 -16.59 2.23
CA ASP B 6 8.00 -16.72 0.87
C ASP B 6 7.21 -15.84 -0.08
N VAL B 7 7.89 -14.95 -0.78
CA VAL B 7 7.23 -14.15 -1.80
C VAL B 7 7.59 -14.68 -3.17
N VAL B 8 6.58 -14.90 -4.01
CA VAL B 8 6.83 -15.41 -5.36
C VAL B 8 6.42 -14.35 -6.36
N THR B 9 7.35 -13.97 -7.24
CA THR B 9 7.15 -12.82 -8.13
C THR B 9 7.97 -12.95 -9.41
N ILE B 10 7.52 -12.32 -10.49
CA ILE B 10 8.36 -12.20 -11.68
C ILE B 10 9.19 -10.93 -11.63
N PHE B 11 9.06 -10.16 -10.54
CA PHE B 11 9.83 -8.93 -10.36
C PHE B 11 10.61 -8.96 -9.05
N PRO B 12 11.52 -9.93 -8.88
CA PRO B 12 12.21 -10.08 -7.59
C PRO B 12 13.07 -8.86 -7.26
N GLU B 13 13.55 -8.18 -8.28
CA GLU B 13 14.33 -6.96 -8.14
C GLU B 13 13.64 -5.89 -7.28
N TYR B 14 12.32 -5.83 -7.38
CA TYR B 14 11.52 -4.87 -6.63
C TYR B 14 11.66 -5.10 -5.11
N LEU B 15 11.74 -6.35 -4.70
CA LEU B 15 11.68 -6.72 -3.28
C LEU B 15 13.02 -6.69 -2.52
N GLN B 16 14.11 -6.34 -3.20
CA GLN B 16 15.46 -6.46 -2.61
C GLN B 16 15.73 -5.80 -1.23
N PRO B 17 15.01 -4.70 -0.86
CA PRO B 17 15.27 -4.19 0.50
C PRO B 17 15.00 -5.21 1.61
N GLY B 30 15.79 -13.46 14.04
CA GLY B 30 15.73 -14.89 14.23
C GLY B 30 14.31 -15.38 14.39
N LEU B 31 13.44 -14.47 14.79
CA LEU B 31 12.02 -14.77 14.94
C LEU B 31 11.35 -14.91 13.57
N VAL B 32 11.91 -14.27 12.54
CA VAL B 32 11.25 -14.30 11.23
C VAL B 32 12.24 -14.24 10.07
N ASP B 33 11.95 -15.02 9.03
CA ASP B 33 12.70 -14.98 7.77
C ASP B 33 11.77 -14.63 6.60
N VAL B 34 12.31 -13.97 5.60
CA VAL B 34 11.55 -13.62 4.41
C VAL B 34 12.37 -13.96 3.17
N ALA B 35 11.85 -14.83 2.31
CA ALA B 35 12.56 -15.19 1.09
C ALA B 35 11.81 -14.75 -0.15
N VAL B 36 12.55 -14.26 -1.13
CA VAL B 36 11.95 -13.88 -2.41
C VAL B 36 12.35 -14.85 -3.51
N HIS B 37 11.36 -15.34 -4.25
CA HIS B 37 11.59 -16.35 -5.28
C HIS B 37 11.17 -15.81 -6.65
N ASP B 38 12.04 -15.98 -7.64
CA ASP B 38 11.77 -15.58 -9.01
C ASP B 38 10.93 -16.64 -9.72
N LEU B 39 9.66 -16.36 -9.95
CA LEU B 39 8.75 -17.32 -10.58
C LEU B 39 9.31 -17.89 -11.89
N ARG B 40 10.09 -17.10 -12.63
CA ARG B 40 10.59 -17.52 -13.93
C ARG B 40 11.50 -18.75 -13.86
N ARG B 41 12.01 -19.05 -12.66
CA ARG B 41 12.82 -20.24 -12.45
C ARG B 41 12.04 -21.55 -12.67
N TRP B 42 10.72 -21.46 -12.69
CA TRP B 42 9.91 -22.64 -12.90
C TRP B 42 9.30 -22.70 -14.30
N THR B 43 9.72 -21.82 -15.19
CA THR B 43 9.19 -21.83 -16.55
C THR B 43 9.59 -23.10 -17.26
N HIS B 44 8.81 -23.46 -18.27
CA HIS B 44 9.05 -24.69 -19.01
C HIS B 44 9.96 -24.42 -20.20
N ASP B 45 9.50 -23.60 -21.14
CA ASP B 45 10.34 -23.18 -22.26
C ASP B 45 11.26 -22.03 -21.87
N VAL B 46 11.39 -21.05 -22.76
CA VAL B 46 12.17 -19.84 -22.48
C VAL B 46 11.81 -18.77 -23.49
N SER B 49 7.53 -17.31 -21.75
CA SER B 49 6.48 -16.35 -21.48
C SER B 49 5.47 -16.91 -20.48
N VAL B 50 5.32 -16.21 -19.34
CA VAL B 50 4.41 -16.65 -18.29
C VAL B 50 2.97 -16.22 -18.55
N ASP B 51 2.79 -15.31 -19.50
CA ASP B 51 1.48 -14.72 -19.75
C ASP B 51 0.91 -15.11 -21.12
N ASP B 52 -0.40 -15.00 -21.24
CA ASP B 52 -1.07 -15.26 -22.51
C ASP B 52 -2.37 -14.48 -22.50
N SER B 53 -3.04 -14.42 -23.64
CA SER B 53 -4.27 -13.65 -23.80
C SER B 53 -5.44 -14.30 -23.07
N PRO B 54 -6.39 -13.46 -22.62
CA PRO B 54 -7.51 -14.01 -21.84
C PRO B 54 -8.57 -14.68 -22.68
N TYR B 55 -9.04 -15.83 -22.21
CA TYR B 55 -10.21 -16.46 -22.81
C TYR B 55 -11.38 -15.52 -22.69
N GLY B 56 -12.23 -15.49 -23.71
CA GLY B 56 -13.37 -14.59 -23.71
C GLY B 56 -13.03 -13.17 -24.14
N GLY B 57 -11.76 -12.90 -24.35
CA GLY B 57 -11.32 -11.60 -24.84
C GLY B 57 -11.14 -10.57 -23.75
N GLY B 58 -10.72 -9.38 -24.14
CA GLY B 58 -10.52 -8.31 -23.18
C GLY B 58 -9.11 -7.79 -23.25
N PRO B 59 -8.88 -6.62 -22.66
CA PRO B 59 -7.55 -6.02 -22.74
C PRO B 59 -6.56 -6.75 -21.84
N GLY B 60 -5.29 -6.65 -22.17
CA GLY B 60 -4.25 -7.11 -21.27
C GLY B 60 -4.02 -8.60 -21.25
N MET B 61 -3.01 -8.99 -20.49
CA MET B 61 -2.55 -10.37 -20.47
C MET B 61 -2.77 -10.99 -19.09
N VAL B 62 -2.89 -12.31 -19.06
CA VAL B 62 -3.16 -13.08 -17.87
C VAL B 62 -2.03 -14.07 -17.63
N MET B 63 -1.58 -14.20 -16.38
CA MET B 63 -0.56 -15.21 -16.08
C MET B 63 -1.14 -16.64 -16.11
N LYS B 64 -0.44 -17.51 -16.83
CA LYS B 64 -0.84 -18.90 -16.97
C LYS B 64 -0.74 -19.66 -15.66
N PRO B 65 -1.64 -20.61 -15.44
CA PRO B 65 -1.63 -21.32 -14.15
C PRO B 65 -0.47 -22.32 -14.01
N THR B 66 0.06 -22.76 -15.15
CA THR B 66 1.04 -23.84 -15.18
C THR B 66 2.34 -23.53 -14.40
N VAL B 67 2.93 -22.38 -14.66
CA VAL B 67 4.17 -22.02 -13.99
C VAL B 67 3.91 -21.78 -12.49
N TRP B 68 2.79 -21.16 -12.17
CA TRP B 68 2.41 -20.95 -10.77
C TRP B 68 2.21 -22.27 -10.01
N GLY B 69 1.55 -23.23 -10.66
CA GLY B 69 1.33 -24.53 -10.04
C GLY B 69 2.62 -25.23 -9.64
N ASP B 70 3.61 -25.23 -10.52
CA ASP B 70 4.90 -25.86 -10.22
C ASP B 70 5.62 -25.14 -9.08
N ALA B 71 5.67 -23.80 -9.17
CA ALA B 71 6.31 -23.01 -8.12
C ALA B 71 5.71 -23.27 -6.74
N LEU B 72 4.39 -23.20 -6.65
CA LEU B 72 3.72 -23.24 -5.36
C LEU B 72 3.74 -24.65 -4.78
N ASP B 73 3.73 -25.63 -5.67
CA ASP B 73 3.90 -27.03 -5.31
C ASP B 73 5.18 -27.25 -4.51
N GLU B 74 6.29 -26.72 -5.04
CA GLU B 74 7.59 -26.83 -4.38
C GLU B 74 7.61 -26.07 -3.04
N ILE B 75 7.00 -24.89 -3.01
CA ILE B 75 7.11 -23.97 -1.88
C ILE B 75 6.07 -24.20 -0.76
N CYS B 76 4.86 -24.63 -1.11
CA CYS B 76 3.79 -24.73 -0.12
C CYS B 76 3.64 -26.12 0.49
N THR B 77 3.12 -26.15 1.72
CA THR B 77 2.61 -27.38 2.29
C THR B 77 1.14 -27.16 2.53
N SER B 78 0.44 -28.19 2.98
CA SER B 78 -0.99 -28.07 3.25
C SER B 78 -1.28 -27.18 4.46
N GLU B 79 -0.26 -26.85 5.25
CA GLU B 79 -0.45 -25.95 6.40
C GLU B 79 -0.13 -24.50 6.05
N THR B 80 0.44 -24.29 4.87
CA THR B 80 0.75 -22.96 4.36
C THR B 80 -0.50 -22.08 4.25
N LEU B 81 -0.37 -20.79 4.58
CA LEU B 81 -1.39 -19.83 4.23
C LEU B 81 -0.92 -19.10 2.97
N LEU B 82 -1.65 -19.34 1.88
CA LEU B 82 -1.36 -18.73 0.59
C LEU B 82 -2.10 -17.39 0.46
N VAL B 83 -1.32 -16.33 0.32
CA VAL B 83 -1.86 -14.99 0.26
C VAL B 83 -1.74 -14.49 -1.17
N VAL B 84 -2.85 -14.05 -1.76
CA VAL B 84 -2.83 -13.56 -3.13
C VAL B 84 -3.35 -12.13 -3.20
N PRO B 85 -2.43 -11.18 -3.34
CA PRO B 85 -2.89 -9.80 -3.51
C PRO B 85 -3.71 -9.69 -4.79
N THR B 86 -4.81 -8.95 -4.73
CA THR B 86 -5.65 -8.73 -5.91
C THR B 86 -6.51 -7.51 -5.69
N PRO B 87 -6.71 -6.71 -6.74
CA PRO B 87 -7.63 -5.59 -6.52
C PRO B 87 -9.08 -6.06 -6.33
N ALA B 88 -9.36 -7.34 -6.53
CA ALA B 88 -10.71 -7.86 -6.35
C ALA B 88 -10.84 -8.65 -5.05
N GLY B 89 -9.89 -8.46 -4.15
CA GLY B 89 -9.84 -9.29 -2.97
C GLY B 89 -10.70 -8.84 -1.81
N TYR B 90 -10.78 -9.69 -0.79
CA TYR B 90 -11.32 -9.25 0.50
C TYR B 90 -10.42 -8.14 1.04
N PRO B 91 -10.97 -7.25 1.89
CA PRO B 91 -10.15 -6.17 2.46
C PRO B 91 -9.10 -6.70 3.42
N PHE B 92 -7.83 -6.35 3.21
CA PHE B 92 -6.80 -6.62 4.21
C PHE B 92 -6.87 -5.50 5.25
N THR B 93 -7.19 -5.86 6.50
CA THR B 93 -7.32 -4.89 7.59
C THR B 93 -6.44 -5.24 8.78
N GLN B 94 -6.47 -4.41 9.82
CA GLN B 94 -5.66 -4.69 11.00
C GLN B 94 -6.09 -6.00 11.64
N GLU B 95 -7.38 -6.30 11.59
CA GLU B 95 -7.88 -7.58 12.06
C GLU B 95 -7.25 -8.75 11.29
N THR B 96 -7.17 -8.64 9.96
CA THR B 96 -6.44 -9.63 9.16
C THR B 96 -5.00 -9.77 9.65
N ALA B 97 -4.34 -8.65 9.88
CA ALA B 97 -2.94 -8.69 10.29
C ALA B 97 -2.74 -9.42 11.62
N TRP B 98 -3.60 -9.15 12.60
CA TRP B 98 -3.57 -9.89 13.88
C TRP B 98 -3.78 -11.38 13.62
N GLN B 99 -4.71 -11.70 12.74
CA GLN B 99 -5.01 -13.10 12.46
C GLN B 99 -3.81 -13.80 11.87
N TRP B 100 -3.10 -13.13 10.96
CA TRP B 100 -1.99 -13.77 10.28
C TRP B 100 -0.71 -13.75 11.12
N SER B 101 -0.65 -12.91 12.15
CA SER B 101 0.59 -12.76 12.93
C SER B 101 1.01 -14.03 13.69
N THR B 102 0.09 -14.97 13.88
CA THR B 102 0.45 -16.21 14.59
C THR B 102 0.59 -17.43 13.66
N GLU B 103 0.61 -17.18 12.35
CA GLU B 103 0.87 -18.23 11.36
C GLU B 103 2.35 -18.62 11.29
N ASP B 104 2.61 -19.88 10.95
CA ASP B 104 3.98 -20.38 10.79
C ASP B 104 4.56 -20.08 9.41
N HIS B 105 3.71 -20.09 8.40
CA HIS B 105 4.18 -20.04 7.02
C HIS B 105 3.23 -19.28 6.07
N LEU B 106 3.69 -18.15 5.56
CA LEU B 106 2.93 -17.37 4.59
C LEU B 106 3.63 -17.43 3.24
N VAL B 107 2.86 -17.69 2.19
CA VAL B 107 3.39 -17.57 0.83
C VAL B 107 2.56 -16.51 0.12
N ILE B 108 3.24 -15.49 -0.39
CA ILE B 108 2.55 -14.40 -1.07
C ILE B 108 2.81 -14.49 -2.57
N ALA B 109 1.77 -14.87 -3.30
CA ALA B 109 1.88 -14.98 -4.76
C ALA B 109 1.58 -13.65 -5.43
N CYS B 110 2.63 -12.99 -5.93
CA CYS B 110 2.51 -11.67 -6.58
C CYS B 110 2.29 -11.75 -8.08
N GLY B 111 1.15 -11.24 -8.52
CA GLY B 111 0.85 -11.20 -9.94
C GLY B 111 1.33 -9.94 -10.63
N ARG B 112 1.28 -9.97 -11.96
CA ARG B 112 1.56 -8.81 -12.79
C ARG B 112 0.58 -8.90 -13.95
N TYR B 113 0.79 -8.07 -14.98
CA TYR B 113 -0.11 -8.02 -16.13
C TYR B 113 -1.52 -7.71 -15.62
N GLU B 114 -2.53 -8.43 -16.09
CA GLU B 114 -3.89 -8.26 -15.58
C GLU B 114 -4.20 -9.28 -14.49
N GLY B 115 -3.18 -9.90 -13.94
CA GLY B 115 -3.43 -10.84 -12.86
C GLY B 115 -3.16 -12.29 -13.23
N ILE B 116 -3.56 -13.17 -12.33
CA ILE B 116 -3.24 -14.58 -12.39
C ILE B 116 -4.52 -15.36 -12.67
N ASP B 117 -4.43 -16.36 -13.55
CA ASP B 117 -5.53 -17.28 -13.86
C ASP B 117 -6.24 -17.74 -12.58
N GLN B 118 -7.56 -17.60 -12.55
CA GLN B 118 -8.33 -17.90 -11.34
C GLN B 118 -8.15 -19.34 -10.84
N ARG B 119 -7.74 -20.24 -11.71
CA ARG B 119 -7.62 -21.64 -11.32
C ARG B 119 -6.46 -21.90 -10.36
N VAL B 120 -5.47 -21.00 -10.32
CA VAL B 120 -4.37 -21.17 -9.40
C VAL B 120 -4.92 -21.12 -7.95
N ALA B 121 -5.70 -20.09 -7.63
CA ALA B 121 -6.25 -19.97 -6.28
C ALA B 121 -7.32 -21.02 -5.99
N ASP B 122 -8.12 -21.37 -7.00
CA ASP B 122 -9.19 -22.35 -6.81
C ASP B 122 -8.63 -23.75 -6.56
N ASP B 123 -7.62 -24.13 -7.34
CA ASP B 123 -6.93 -25.40 -7.15
C ASP B 123 -6.21 -25.46 -5.81
N ALA B 124 -5.53 -24.38 -5.46
CA ALA B 124 -4.75 -24.36 -4.23
C ALA B 124 -5.68 -24.50 -3.04
N ALA B 125 -6.90 -23.97 -3.16
CA ALA B 125 -7.85 -23.99 -2.06
C ALA B 125 -8.37 -25.40 -1.77
N THR B 126 -8.05 -26.35 -2.65
CA THR B 126 -8.41 -27.74 -2.40
C THR B 126 -7.30 -28.48 -1.63
N ARG B 127 -6.15 -27.83 -1.46
CA ARG B 127 -5.00 -28.44 -0.80
CA ARG B 127 -4.99 -28.44 -0.81
C ARG B 127 -4.53 -27.64 0.42
N MET B 128 -4.93 -26.37 0.50
CA MET B 128 -4.47 -25.48 1.55
C MET B 128 -5.41 -24.30 1.73
N ARG B 129 -5.18 -23.49 2.76
CA ARG B 129 -5.97 -22.28 2.97
C ARG B 129 -5.45 -21.19 2.04
N VAL B 130 -6.37 -20.48 1.40
CA VAL B 130 -6.01 -19.45 0.43
C VAL B 130 -6.76 -18.18 0.75
N ARG B 131 -6.09 -17.03 0.62
CA ARG B 131 -6.73 -15.76 0.89
C ARG B 131 -6.44 -14.74 -0.20
N GLU B 132 -7.46 -14.39 -0.97
CA GLU B 132 -7.35 -13.30 -1.91
C GLU B 132 -7.67 -12.00 -1.18
N VAL B 133 -6.70 -11.08 -1.14
CA VAL B 133 -6.90 -9.84 -0.39
C VAL B 133 -6.47 -8.60 -1.17
N SER B 134 -7.10 -7.47 -0.83
CA SER B 134 -6.74 -6.17 -1.39
C SER B 134 -6.32 -5.22 -0.27
N ILE B 135 -5.22 -4.49 -0.46
CA ILE B 135 -4.75 -3.57 0.56
C ILE B 135 -5.42 -2.18 0.51
N GLY B 136 -6.31 -1.96 -0.45
CA GLY B 136 -6.97 -0.66 -0.52
C GLY B 136 -7.70 -0.41 -1.84
N ASP B 137 -8.50 0.64 -1.90
CA ASP B 137 -9.32 0.92 -3.08
C ASP B 137 -8.63 1.82 -4.09
N TYR B 138 -7.53 1.33 -4.64
CA TYR B 138 -6.76 1.99 -5.68
C TYR B 138 -6.16 0.87 -6.49
N VAL B 139 -5.70 1.17 -7.69
CA VAL B 139 -5.14 0.16 -8.58
C VAL B 139 -3.64 0.29 -8.64
N LEU B 140 -2.97 -0.84 -8.49
CA LEU B 140 -1.52 -0.94 -8.65
C LEU B 140 -1.17 -1.66 -9.95
N ASN B 141 0.12 -1.76 -10.26
CA ASN B 141 0.55 -2.49 -11.45
C ASN B 141 0.85 -3.98 -11.18
N GLY B 142 0.87 -4.38 -9.91
CA GLY B 142 1.18 -5.75 -9.56
C GLY B 142 1.13 -5.97 -8.07
N GLY B 143 1.38 -7.20 -7.63
CA GLY B 143 1.22 -7.55 -6.21
C GLY B 143 2.39 -7.20 -5.31
N GLU B 144 3.51 -6.78 -5.89
CA GLU B 144 4.73 -6.58 -5.11
C GLU B 144 4.63 -5.48 -4.05
N ALA B 145 4.12 -4.32 -4.41
CA ALA B 145 3.97 -3.25 -3.41
C ALA B 145 2.99 -3.69 -2.32
N ALA B 146 1.93 -4.41 -2.71
CA ALA B 146 0.97 -4.91 -1.74
C ALA B 146 1.62 -5.90 -0.80
N ALA B 147 2.50 -6.74 -1.33
CA ALA B 147 3.22 -7.71 -0.51
C ALA B 147 4.04 -7.01 0.56
N LEU B 148 4.71 -5.91 0.22
CA LEU B 148 5.52 -5.19 1.21
C LEU B 148 4.66 -4.59 2.32
N VAL B 149 3.48 -4.10 1.96
CA VAL B 149 2.57 -3.53 2.96
C VAL B 149 2.11 -4.63 3.91
N ILE B 150 1.73 -5.77 3.33
CA ILE B 150 1.22 -6.89 4.11
C ILE B 150 2.31 -7.40 5.04
N ILE B 151 3.52 -7.52 4.52
CA ILE B 151 4.64 -7.98 5.35
C ILE B 151 4.92 -7.03 6.52
N GLU B 152 4.94 -5.71 6.26
CA GLU B 152 5.17 -4.75 7.34
C GLU B 152 4.08 -4.84 8.40
N ALA B 153 2.83 -4.82 7.95
CA ALA B 153 1.70 -4.83 8.87
C ALA B 153 1.68 -6.07 9.75
N VAL B 154 2.09 -7.21 9.19
CA VAL B 154 2.01 -8.49 9.91
C VAL B 154 3.22 -8.68 10.84
N LEU B 155 4.42 -8.38 10.35
CA LEU B 155 5.64 -8.69 11.11
C LEU B 155 5.75 -7.88 12.38
N ARG B 156 5.23 -6.66 12.40
CA ARG B 156 5.29 -5.86 13.62
C ARG B 156 4.34 -6.37 14.71
N LEU B 157 3.51 -7.36 14.39
CA LEU B 157 2.61 -7.93 15.39
C LEU B 157 3.09 -9.32 15.88
N VAL B 158 4.13 -9.85 15.26
CA VAL B 158 4.56 -11.21 15.58
C VAL B 158 5.16 -11.22 16.98
N PRO B 159 4.68 -12.12 17.84
CA PRO B 159 5.05 -12.16 19.27
C PRO B 159 6.57 -12.14 19.43
N GLY B 160 7.07 -11.21 20.22
CA GLY B 160 8.50 -11.00 20.31
C GLY B 160 9.01 -9.83 19.48
N VAL B 161 8.09 -9.03 18.93
CA VAL B 161 8.49 -7.84 18.16
C VAL B 161 8.06 -6.54 18.84
N SER B 179 -10.36 1.17 15.48
CA SER B 179 -11.46 1.82 16.17
C SER B 179 -11.54 3.33 15.88
N LEU B 180 -10.50 4.06 16.29
CA LEU B 180 -10.46 5.52 16.14
C LEU B 180 -9.16 5.97 15.50
N LEU B 181 -9.14 7.21 15.00
CA LEU B 181 -7.94 7.82 14.44
C LEU B 181 -7.16 8.53 15.53
N GLU B 182 -5.85 8.39 15.52
CA GLU B 182 -4.98 9.11 16.43
C GLU B 182 -5.03 10.63 16.26
N GLY B 183 -5.01 11.36 17.38
CA GLY B 183 -4.93 12.82 17.36
C GLY B 183 -3.51 13.30 17.10
N PRO B 184 -3.31 14.63 17.10
CA PRO B 184 -2.01 15.23 16.79
C PRO B 184 -0.98 15.06 17.91
N SER B 185 0.30 15.02 17.53
CA SER B 185 1.40 14.88 18.49
C SER B 185 2.37 16.05 18.37
N TYR B 186 3.02 16.39 19.48
CA TYR B 186 3.91 17.54 19.55
C TYR B 186 5.15 17.23 20.37
N THR B 187 6.24 17.92 20.04
CA THR B 187 7.45 17.85 20.85
C THR B 187 8.14 19.23 20.86
N ARG B 188 9.35 19.30 21.39
CA ARG B 188 10.04 20.57 21.57
C ARG B 188 10.42 21.18 20.23
N PRO B 189 10.49 22.52 20.14
CA PRO B 189 10.22 23.52 21.18
C PRO B 189 8.74 23.80 21.39
N PRO B 190 8.38 24.33 22.58
CA PRO B 190 6.98 24.60 22.94
C PRO B 190 6.40 25.68 22.05
N SER B 191 7.27 26.53 21.51
CA SER B 191 6.82 27.53 20.54
C SER B 191 7.72 27.48 19.30
N TRP B 192 7.11 27.36 18.12
CA TRP B 192 7.86 27.21 16.89
C TRP B 192 7.24 27.98 15.73
N ARG B 193 7.99 28.92 15.16
CA ARG B 193 7.48 29.83 14.13
C ARG B 193 6.20 30.55 14.56
N GLY B 194 6.10 30.90 15.84
CA GLY B 194 4.88 31.52 16.35
C GLY B 194 3.72 30.58 16.59
N MET B 195 3.96 29.28 16.45
CA MET B 195 2.92 28.28 16.68
C MET B 195 3.19 27.53 17.97
N ASP B 196 2.21 27.58 18.89
CA ASP B 196 2.35 27.02 20.25
C ASP B 196 1.80 25.61 20.37
N VAL B 197 2.43 24.81 21.21
CA VAL B 197 1.88 23.51 21.61
C VAL B 197 0.63 23.78 22.46
N PRO B 198 -0.48 23.05 22.23
CA PRO B 198 -1.70 23.26 23.04
C PRO B 198 -1.35 23.21 24.53
N PRO B 199 -1.61 24.29 25.26
CA PRO B 199 -1.15 24.46 26.65
C PRO B 199 -1.52 23.28 27.57
N VAL B 200 -2.63 22.60 27.30
CA VAL B 200 -3.01 21.45 28.14
C VAL B 200 -1.89 20.41 28.18
N LEU B 201 -1.18 20.23 27.07
CA LEU B 201 -0.13 19.21 27.03
C LEU B 201 1.08 19.55 27.88
N LEU B 202 1.16 20.81 28.30
CA LEU B 202 2.26 21.28 29.16
C LEU B 202 1.81 21.39 30.62
N SER B 203 0.57 21.01 30.90
CA SER B 203 0.00 21.25 32.22
C SER B 203 0.39 20.16 33.23
N GLY B 204 0.80 19.00 32.74
CA GLY B 204 1.16 17.88 33.61
C GLY B 204 -0.05 17.15 34.17
N ASP B 205 -1.24 17.66 33.88
CA ASP B 205 -2.49 17.07 34.35
C ASP B 205 -2.90 15.87 33.48
N HIS B 206 -2.58 14.67 33.95
CA HIS B 206 -2.86 13.43 33.22
C HIS B 206 -4.30 13.34 32.74
N ALA B 207 -5.26 13.60 33.62
CA ALA B 207 -6.66 13.41 33.29
C ALA B 207 -7.15 14.43 32.27
N LYS B 208 -6.68 15.67 32.37
CA LYS B 208 -7.04 16.69 31.38
C LYS B 208 -6.42 16.38 30.01
N ILE B 209 -5.22 15.82 30.00
CA ILE B 209 -4.55 15.47 28.76
C ILE B 209 -5.20 14.25 28.09
N ALA B 210 -5.53 13.23 28.87
CA ALA B 210 -6.23 12.06 28.35
C ALA B 210 -7.59 12.47 27.78
N ALA B 211 -8.26 13.37 28.48
CA ALA B 211 -9.53 13.91 28.00
C ALA B 211 -9.36 14.68 26.70
N TRP B 212 -8.35 15.55 26.65
CA TRP B 212 -8.16 16.40 25.48
C TRP B 212 -7.78 15.58 24.24
N ARG B 213 -6.96 14.56 24.46
CA ARG B 213 -6.55 13.67 23.39
C ARG B 213 -7.70 12.78 22.91
N ALA B 214 -8.52 12.31 23.84
CA ALA B 214 -9.69 11.51 23.45
C ALA B 214 -10.60 12.35 22.58
N GLU B 215 -10.74 13.62 22.94
CA GLU B 215 -11.55 14.56 22.16
C GLU B 215 -10.98 14.77 20.76
N GLN B 216 -9.68 15.01 20.67
CA GLN B 216 -9.03 15.25 19.38
C GLN B 216 -9.19 14.07 18.41
N SER B 217 -9.05 12.86 18.94
CA SER B 217 -9.20 11.63 18.16
CA SER B 217 -9.20 11.64 18.16
C SER B 217 -10.60 11.51 17.56
N ARG B 218 -11.61 11.75 18.38
CA ARG B 218 -12.99 11.66 17.91
C ARG B 218 -13.31 12.78 16.91
N GLN B 219 -12.77 13.97 17.12
CA GLN B 219 -13.00 15.04 16.14
C GLN B 219 -12.31 14.75 14.78
N ARG B 220 -11.09 14.23 14.84
CA ARG B 220 -10.41 13.82 13.62
C ARG B 220 -11.15 12.67 12.90
N THR B 221 -11.67 11.73 13.69
CA THR B 221 -12.34 10.58 13.09
C THR B 221 -13.61 10.98 12.37
N ILE B 222 -14.44 11.81 13.00
CA ILE B 222 -15.69 12.24 12.38
C ILE B 222 -15.41 13.07 11.11
N GLU B 223 -14.30 13.81 11.12
CA GLU B 223 -13.95 14.65 9.97
C GLU B 223 -13.32 13.86 8.81
N ARG B 224 -12.45 12.91 9.12
CA ARG B 224 -11.69 12.20 8.08
C ARG B 224 -12.24 10.83 7.74
N ARG B 225 -12.77 10.12 8.73
CA ARG B 225 -13.28 8.76 8.53
C ARG B 225 -14.61 8.55 9.26
N PRO B 226 -15.66 9.25 8.84
CA PRO B 226 -16.93 9.18 9.57
C PRO B 226 -17.52 7.77 9.56
N ASP B 227 -17.15 6.97 8.55
CA ASP B 227 -17.62 5.60 8.44
C ASP B 227 -17.22 4.74 9.67
N LEU B 228 -16.05 5.03 10.24
CA LEU B 228 -15.58 4.31 11.43
C LEU B 228 -16.51 4.47 12.63
N LEU B 229 -17.25 5.55 12.67
CA LEU B 229 -18.20 5.80 13.75
C LEU B 229 -19.66 5.58 13.29
N GLY B 230 -19.81 4.91 12.15
CA GLY B 230 -21.13 4.51 11.70
C GLY B 230 -21.92 5.57 10.94
N PHE B 231 -21.22 6.52 10.33
CA PHE B 231 -21.86 7.53 9.49
C PHE B 231 -21.52 7.34 8.02
N ASP B 232 -22.26 8.02 7.15
CA ASP B 232 -22.02 7.96 5.71
C ASP B 232 -20.65 8.49 5.30
N SER B 233 -20.00 7.77 4.38
CA SER B 233 -18.75 8.21 3.80
C SER B 233 -19.00 9.17 2.63
C10 JEK C . 3.04 7.13 8.44
C13 JEK C . 4.92 6.66 11.62
C15 JEK C . 3.96 4.54 12.54
C17 JEK C . 2.50 6.00 14.03
C20 JEK C . -0.33 5.05 16.59
C22 JEK C . 0.29 3.64 18.23
C24 JEK C . -0.11 4.58 20.46
C26 JEK C . -0.10 6.09 18.52
C28 JEK C . 2.20 3.60 14.05
N01 JEK C . -2.32 3.01 6.44
C02 JEK C . -1.29 3.28 7.30
N03 JEK C . -0.96 2.57 8.42
N04 JEK C . 0.12 3.17 8.97
C05 JEK C . 0.52 4.20 8.22
C06 JEK C . 1.68 5.13 8.66
C07 JEK C . 2.29 4.85 9.87
C08 JEK C . 3.31 5.70 10.37
C09 JEK C . 3.67 6.83 9.67
C11 JEK C . 2.02 6.28 7.95
C12 JEK C . 4.73 7.46 10.47
N14 JEK C . 4.07 5.63 11.55
C16 JEK C . 2.85 4.74 13.57
C18 JEK C . 1.48 6.11 15.01
C19 JEK C . 0.81 4.95 15.50
N21 JEK C . 0.17 4.99 17.67
C23 JEK C . -0.31 3.45 19.62
C25 JEK C . -0.73 5.75 19.86
C27 JEK C . 1.17 3.73 15.03
C29 JEK C . -0.37 4.32 7.18
C30 JEK C . -0.40 5.35 5.99
N31 JEK C . -0.48 6.09 5.10
C10 JEK D . -2.09 -7.74 -7.56
C13 JEK D . -1.61 -7.57 -11.25
C15 JEK D . -2.46 -5.28 -11.84
C17 JEK D . -4.50 -3.95 -12.43
C20 JEK D . -8.15 -4.83 -13.45
C22 JEK D . -9.31 -3.50 -14.77
C24 JEK D . -9.01 -3.88 -17.17
C26 JEK D . -8.08 -5.51 -15.50
C28 JEK D . -4.72 -6.34 -12.43
N01 JEK D . -5.15 -2.72 -3.73
C02 JEK D . -4.68 -3.14 -4.95
N03 JEK D . -4.74 -2.47 -6.14
N04 JEK D . -4.15 -3.25 -7.07
C05 JEK D . -3.68 -4.37 -6.51
C06 JEK D . -3.02 -5.51 -7.32
C07 JEK D . -2.92 -5.32 -8.70
C08 JEK D . -2.36 -6.35 -9.51
C09 JEK D . -1.97 -7.54 -8.95
C11 JEK D . -2.64 -6.71 -6.75
C12 JEK D . -1.47 -8.34 -10.07
N14 JEK D . -2.15 -6.39 -10.90
C16 JEK D . -3.94 -5.20 -12.23
C18 JEK D . -5.86 -3.84 -12.81
C19 JEK D . -6.65 -5.00 -13.01
N21 JEK D . -8.20 -4.44 -14.58
C23 JEK D . -9.97 -3.60 -16.14
C25 JEK D . -8.45 -5.21 -16.97
C27 JEK D . -6.09 -6.23 -12.83
C29 JEK D . -4.03 -4.34 -5.18
C30 JEK D . -3.77 -5.37 -4.03
N31 JEK D . -3.61 -6.08 -3.13
#